data_9OQA
#
_entry.id   9OQA
#
_cell.length_a   1.00
_cell.length_b   1.00
_cell.length_c   1.00
_cell.angle_alpha   90.00
_cell.angle_beta   90.00
_cell.angle_gamma   90.00
#
_symmetry.space_group_name_H-M   'P 1'
#
loop_
_entity.id
_entity.type
_entity.pdbx_description
1 polymer 'Autotransporter domain-containing protein'
2 non-polymer 'ZINC ION'
3 non-polymer ARGININE
#
_entity_poly.entity_id   1
_entity_poly.type   'polypeptide(L)'
_entity_poly.pdbx_seq_one_letter_code
;ASAWSHPQFEKGGGSGGGSGGSAWSHPQFEKENLYFQGYQYGEYAGETLERLITDYPGRYRGTASFAGASKLMQSRLGFG
YQTSRQDFTWAGNRSSQNVIASAPGSSGKFLVLGAHYDTYYGRPTLQGLDDNASGAAVLTEIARNLGGIALENGLEVVGF
GAEEEGLRGSRAYVESLDASQRANLLGMINLDSLVTGDKMYAHAGSNSVSNPALGAYREQILRIARELDIPLFTNPGLNA
EYPAGTGCCSDGESFNGMDIPVLFIEATNWELGDLDGYEQTDNPAIPGGSTWHDPAEDNKEVLTNALGQERIEQRMRDFS
RLLTRLVLEQTNADLLASTASGGALARQMEDQLQRQHQALTRLHDRRWLTLLGSNRPVGSFDGEVGAEGEVSPDSGFDMP
GNPESRRAGVHLLGDYRYSEALTLGGSLAFQRSRDKLDHGGRIEGDTWQLGLFGLYNDGGPEWLAGELNLGHTRYDSKRS
VYLQAAGGPVLLDQRLSGDTSAWSWGARLEGGYDFSFGELRSGPLAGLDYMHYRIDDFREDEALRTALGYEKQDYDSLEA
SLGWRLRGELALGARMRLQPYASLRWVRELADGRLDDMDLTSRGDGRVRVADMGGVDKDFGRAQLGAQLAITEQLGVFAE
ANSRFAHSEGNQAGYSLGVNWQF
;
_entity_poly.pdbx_strand_id   A
#
# COMPACT_ATOMS: atom_id res chain seq x y z
N GLY A 38 17.98 5.05 -0.58
CA GLY A 38 18.04 5.41 0.82
C GLY A 38 18.93 4.49 1.63
N TYR A 39 19.15 4.83 2.89
CA TYR A 39 20.01 4.02 3.75
C TYR A 39 19.38 2.67 4.02
N GLN A 40 20.22 1.65 4.12
CA GLN A 40 19.76 0.29 4.38
C GLN A 40 19.33 0.15 5.83
N TYR A 41 18.84 -1.03 6.18
CA TYR A 41 18.37 -1.30 7.53
C TYR A 41 19.53 -1.30 8.50
N GLY A 42 19.59 -0.30 9.37
CA GLY A 42 20.55 -0.25 10.44
C GLY A 42 21.74 0.65 10.19
N GLU A 43 22.00 1.04 8.94
CA GLU A 43 23.13 1.93 8.67
C GLU A 43 22.96 3.27 9.37
N TYR A 44 21.75 3.83 9.32
CA TYR A 44 21.50 5.07 10.05
C TYR A 44 21.62 4.87 11.54
N ALA A 45 21.20 3.69 12.03
CA ALA A 45 21.40 3.37 13.45
C ALA A 45 22.88 3.36 13.80
N GLY A 46 23.72 2.79 12.92
CA GLY A 46 25.15 2.81 13.17
C GLY A 46 25.72 4.22 13.17
N GLU A 47 25.25 5.06 12.24
CA GLU A 47 25.73 6.44 12.18
C GLU A 47 25.38 7.19 13.46
N THR A 48 24.13 7.07 13.91
CA THR A 48 23.73 7.77 15.12
C THR A 48 24.40 7.18 16.35
N LEU A 49 24.67 5.87 16.36
CA LEU A 49 25.43 5.28 17.46
C LEU A 49 26.83 5.86 17.52
N GLU A 50 27.49 5.97 16.37
CA GLU A 50 28.83 6.54 16.33
C GLU A 50 28.82 7.98 16.83
N ARG A 51 27.85 8.77 16.36
CA ARG A 51 27.77 10.15 16.83
C ARG A 51 27.53 10.21 18.33
N LEU A 52 26.63 9.36 18.84
CA LEU A 52 26.32 9.38 20.27
C LEU A 52 27.53 9.00 21.10
N ILE A 53 28.28 7.99 20.68
CA ILE A 53 29.38 7.51 21.52
C ILE A 53 30.66 8.32 21.36
N THR A 54 30.84 9.02 20.24
CA THR A 54 32.07 9.78 20.04
C THR A 54 31.90 11.26 20.34
N ASP A 55 30.84 11.89 19.81
CA ASP A 55 30.67 13.31 20.00
C ASP A 55 30.18 13.66 21.40
N TYR A 56 29.41 12.77 22.03
CA TYR A 56 28.86 13.01 23.37
C TYR A 56 29.04 11.78 24.25
N PRO A 57 30.27 11.47 24.65
CA PRO A 57 30.48 10.41 25.64
C PRO A 57 30.24 10.92 27.05
N GLY A 58 30.07 9.97 27.97
CA GLY A 58 29.92 10.31 29.37
C GLY A 58 28.70 11.15 29.68
N ARG A 59 27.55 10.79 29.12
CA ARG A 59 26.31 11.53 29.33
C ARG A 59 25.68 11.11 30.66
N TYR A 60 25.51 12.06 31.57
CA TYR A 60 24.84 11.80 32.84
C TYR A 60 24.25 13.11 33.35
N ARG A 61 23.49 13.01 34.44
CA ARG A 61 22.75 14.15 34.94
C ARG A 61 23.68 15.30 35.32
N GLY A 62 23.24 16.52 35.03
CA GLY A 62 24.04 17.69 35.34
C GLY A 62 25.33 17.80 34.56
N THR A 63 25.28 17.54 33.26
CA THR A 63 26.45 17.59 32.41
C THR A 63 26.12 18.32 31.11
N ALA A 64 27.07 19.14 30.64
CA ALA A 64 26.92 19.75 29.32
C ALA A 64 26.93 18.69 28.23
N SER A 65 27.70 17.62 28.43
CA SER A 65 27.66 16.50 27.50
C SER A 65 26.27 15.90 27.43
N PHE A 66 25.56 15.86 28.56
CA PHE A 66 24.18 15.37 28.54
C PHE A 66 23.29 16.27 27.71
N ALA A 67 23.46 17.59 27.82
CA ALA A 67 22.66 18.51 27.01
C ALA A 67 22.96 18.35 25.54
N GLY A 68 24.24 18.22 25.18
CA GLY A 68 24.58 17.96 23.79
C GLY A 68 24.02 16.64 23.29
N ALA A 69 24.05 15.61 24.14
CA ALA A 69 23.50 14.32 23.76
C ALA A 69 22.00 14.39 23.55
N SER A 70 21.30 15.13 24.41
CA SER A 70 19.86 15.28 24.25
C SER A 70 19.53 16.06 22.98
N LYS A 71 20.31 17.11 22.69
CA LYS A 71 20.10 17.83 21.44
C LYS A 71 20.33 16.92 20.24
N LEU A 72 21.37 16.09 20.30
CA LEU A 72 21.61 15.13 19.23
C LEU A 72 20.46 14.14 19.10
N MET A 73 19.94 13.66 20.23
CA MET A 73 18.84 12.71 20.21
C MET A 73 17.62 13.31 19.54
N GLN A 74 17.29 14.56 19.91
CA GLN A 74 16.15 15.22 19.28
C GLN A 74 16.40 15.45 17.80
N SER A 75 17.64 15.81 17.43
CA SER A 75 17.94 16.10 16.03
C SER A 75 17.89 14.84 15.17
N ARG A 76 18.19 13.69 15.75
CA ARG A 76 18.21 12.45 14.97
C ARG A 76 16.81 12.05 14.51
N LEU A 77 15.85 12.05 15.43
CA LEU A 77 14.52 11.53 15.16
C LEU A 77 13.51 12.63 14.83
N GLY A 78 13.97 13.86 14.61
CA GLY A 78 13.06 14.96 14.38
C GLY A 78 12.34 14.92 13.05
N PHE A 79 12.70 13.99 12.17
CA PHE A 79 12.06 13.91 10.85
C PHE A 79 10.63 13.39 10.99
N GLY A 80 9.67 14.23 10.66
CA GLY A 80 8.28 13.83 10.71
C GLY A 80 7.67 13.76 12.09
N TYR A 81 8.34 14.34 13.09
CA TYR A 81 7.87 14.29 14.47
C TYR A 81 7.93 15.67 15.09
N GLN A 82 7.04 15.92 16.04
CA GLN A 82 7.06 17.14 16.83
C GLN A 82 7.81 16.89 18.13
N THR A 83 9.13 16.75 18.00
CA THR A 83 9.99 16.46 19.14
C THR A 83 9.95 17.62 20.13
N SER A 84 9.81 17.30 21.41
CA SER A 84 9.71 18.32 22.46
C SER A 84 10.30 17.75 23.73
N ARG A 85 11.52 18.18 24.07
CA ARG A 85 12.15 17.74 25.30
C ARG A 85 11.33 18.22 26.50
N GLN A 86 11.22 17.36 27.51
CA GLN A 86 10.44 17.66 28.71
C GLN A 86 11.33 17.49 29.92
N ASP A 87 11.64 18.60 30.60
CA ASP A 87 12.44 18.53 31.80
C ASP A 87 11.58 18.17 33.00
N PHE A 88 12.14 17.34 33.88
CA PHE A 88 11.46 16.87 35.07
C PHE A 88 12.40 17.03 36.26
N THR A 89 11.83 16.95 37.47
CA THR A 89 12.60 17.06 38.69
C THR A 89 12.12 16.02 39.68
N TRP A 90 13.04 15.57 40.55
CA TRP A 90 12.70 14.68 41.64
C TRP A 90 13.55 15.01 42.84
N ALA A 91 12.95 14.93 44.02
CA ALA A 91 13.63 15.18 45.30
C ALA A 91 14.26 16.57 45.34
N GLY A 92 13.63 17.55 44.69
CA GLY A 92 14.10 18.92 44.77
C GLY A 92 15.15 19.29 43.76
N ASN A 93 16.42 19.28 44.19
CA ASN A 93 17.51 19.75 43.34
C ASN A 93 17.74 18.82 42.15
N ARG A 94 17.57 17.52 42.34
CA ARG A 94 17.83 16.57 41.26
C ARG A 94 16.82 16.79 40.14
N SER A 95 17.32 16.94 38.91
CA SER A 95 16.46 17.16 37.77
C SER A 95 17.19 16.77 36.49
N SER A 96 16.42 16.43 35.46
CA SER A 96 16.95 16.05 34.16
C SER A 96 15.84 16.26 33.13
N GLN A 97 16.03 15.70 31.94
CA GLN A 97 15.03 15.83 30.89
C GLN A 97 15.04 14.56 30.04
N ASN A 98 13.92 14.32 29.35
CA ASN A 98 13.78 13.19 28.45
C ASN A 98 13.19 13.66 27.13
N VAL A 99 13.74 13.16 26.03
CA VAL A 99 13.27 13.54 24.70
C VAL A 99 11.98 12.80 24.40
N ILE A 100 10.98 13.53 23.90
CA ILE A 100 9.71 12.95 23.49
C ILE A 100 9.48 13.33 22.04
N ALA A 101 9.30 12.33 21.19
CA ALA A 101 8.89 12.53 19.81
C ALA A 101 7.51 11.92 19.64
N SER A 102 6.57 12.69 19.10
CA SER A 102 5.19 12.25 18.99
C SER A 102 4.73 12.30 17.54
N ALA A 103 3.95 11.31 17.15
CA ALA A 103 3.34 11.23 15.83
C ALA A 103 1.83 11.15 16.00
N PRO A 104 1.07 12.10 15.44
CA PRO A 104 -0.39 12.07 15.65
C PRO A 104 -1.01 10.78 15.13
N GLY A 105 -1.94 10.25 15.91
CA GLY A 105 -2.63 9.02 15.57
C GLY A 105 -4.13 9.25 15.49
N SER A 106 -4.74 8.68 14.44
CA SER A 106 -6.17 8.86 14.24
C SER A 106 -6.98 8.22 15.36
N SER A 107 -6.59 7.03 15.80
CA SER A 107 -7.32 6.32 16.84
C SER A 107 -7.16 6.95 18.22
N GLY A 108 -6.23 7.89 18.39
CA GLY A 108 -6.06 8.56 19.66
C GLY A 108 -5.35 7.77 20.71
N LYS A 109 -4.76 6.61 20.36
CA LYS A 109 -4.03 5.79 21.31
C LYS A 109 -2.64 5.55 20.75
N PHE A 110 -1.63 6.06 21.43
CA PHE A 110 -0.26 6.00 20.94
C PHE A 110 0.51 4.86 21.58
N LEU A 111 1.58 4.46 20.90
CA LEU A 111 2.49 3.41 21.35
C LEU A 111 3.83 4.04 21.70
N VAL A 112 4.37 3.70 22.87
CA VAL A 112 5.55 4.36 23.41
C VAL A 112 6.75 3.45 23.24
N LEU A 113 7.83 3.98 22.66
CA LEU A 113 9.09 3.27 22.48
C LEU A 113 10.14 3.95 23.36
N GLY A 114 10.22 3.53 24.61
CA GLY A 114 11.15 4.13 25.55
C GLY A 114 12.53 3.50 25.47
N ALA A 115 13.56 4.34 25.55
CA ALA A 115 14.94 3.88 25.60
C ALA A 115 15.79 5.01 26.15
N HIS A 116 16.39 4.82 27.30
CA HIS A 116 17.17 5.89 27.90
C HIS A 116 18.51 6.03 27.18
N TYR A 117 19.11 7.22 27.32
CA TYR A 117 20.41 7.51 26.74
C TYR A 117 21.36 7.99 27.82
N ASP A 118 21.30 7.37 28.99
CA ASP A 118 22.11 7.77 30.14
C ASP A 118 23.05 6.64 30.53
N THR A 119 24.19 7.01 31.10
CA THR A 119 25.18 6.05 31.56
C THR A 119 25.24 6.09 33.08
N TYR A 120 26.13 5.25 33.63
CA TYR A 120 26.29 5.18 35.08
C TYR A 120 26.79 6.52 35.62
N TYR A 121 26.29 6.88 36.81
CA TYR A 121 26.63 8.18 37.38
C TYR A 121 28.11 8.31 37.66
N GLY A 122 28.73 7.26 38.20
CA GLY A 122 30.13 7.31 38.57
C GLY A 122 31.08 7.12 37.40
N ARG A 123 30.62 7.45 36.19
CA ARG A 123 31.42 7.33 34.97
C ARG A 123 31.34 8.63 34.20
N PRO A 124 32.14 9.63 34.57
CA PRO A 124 32.13 10.89 33.84
C PRO A 124 33.04 10.87 32.62
N THR A 125 32.58 11.56 31.57
CA THR A 125 33.34 11.79 30.34
C THR A 125 33.93 10.50 29.78
N LEU A 126 33.12 9.45 29.76
CA LEU A 126 33.52 8.16 29.21
C LEU A 126 32.34 7.56 28.45
N GLN A 127 32.59 7.11 27.23
CA GLN A 127 31.51 6.61 26.38
C GLN A 127 30.87 5.38 26.99
N GLY A 128 29.54 5.39 27.04
CA GLY A 128 28.81 4.18 27.38
C GLY A 128 28.11 3.62 26.16
N LEU A 129 28.67 2.56 25.59
CA LEU A 129 28.08 1.94 24.39
C LEU A 129 27.10 0.85 24.79
N ASP A 130 27.60 -0.17 25.49
CA ASP A 130 26.78 -1.34 25.79
C ASP A 130 25.55 -0.98 26.61
N ASP A 131 25.67 -0.03 27.52
CA ASP A 131 24.57 0.27 28.44
C ASP A 131 23.32 0.65 27.67
N ASN A 132 23.33 1.80 26.98
CA ASN A 132 22.18 2.08 26.12
C ASN A 132 22.50 2.84 24.85
N ALA A 133 23.76 2.92 24.42
CA ALA A 133 24.02 3.60 23.15
C ALA A 133 23.39 2.86 21.99
N SER A 134 23.51 1.52 21.99
CA SER A 134 22.84 0.74 20.95
C SER A 134 21.33 0.89 21.04
N GLY A 135 20.79 0.94 22.26
CA GLY A 135 19.36 1.13 22.41
C GLY A 135 18.90 2.46 21.83
N ALA A 136 19.64 3.53 22.12
CA ALA A 136 19.29 4.84 21.58
C ALA A 136 19.41 4.86 20.06
N ALA A 137 20.45 4.22 19.53
CA ALA A 137 20.63 4.17 18.09
C ALA A 137 19.47 3.43 17.41
N VAL A 138 19.09 2.29 17.96
CA VAL A 138 17.97 1.54 17.39
C VAL A 138 16.68 2.32 17.53
N LEU A 139 16.53 3.06 18.63
CA LEU A 139 15.32 3.84 18.82
C LEU A 139 15.20 4.96 17.80
N THR A 140 16.30 5.67 17.56
CA THR A 140 16.29 6.70 16.53
C THR A 140 16.06 6.09 15.15
N GLU A 141 16.64 4.90 14.92
CA GLU A 141 16.43 4.21 13.65
C GLU A 141 14.96 3.90 13.43
N ILE A 142 14.29 3.38 14.46
CA ILE A 142 12.87 3.07 14.34
C ILE A 142 12.07 4.34 14.13
N ALA A 143 12.39 5.40 14.87
CA ALA A 143 11.64 6.64 14.74
C ALA A 143 11.76 7.20 13.33
N ARG A 144 12.95 7.14 12.74
CA ARG A 144 13.12 7.63 11.38
C ARG A 144 12.44 6.71 10.36
N ASN A 145 12.54 5.39 10.57
CA ASN A 145 11.90 4.45 9.65
C ASN A 145 10.39 4.57 9.69
N LEU A 146 9.82 5.08 10.77
CA LEU A 146 8.39 5.32 10.84
C LEU A 146 8.01 6.75 10.43
N GLY A 147 8.99 7.59 10.13
CA GLY A 147 8.69 8.95 9.76
C GLY A 147 7.95 9.04 8.43
N GLY A 148 7.05 10.01 8.33
CA GLY A 148 6.32 10.23 7.11
C GLY A 148 5.30 9.17 6.78
N ILE A 149 5.06 8.22 7.68
CA ILE A 149 4.13 7.12 7.45
C ILE A 149 2.84 7.41 8.22
N ALA A 150 1.71 7.31 7.53
CA ALA A 150 0.43 7.46 8.21
C ALA A 150 0.20 6.28 9.15
N LEU A 151 -0.17 6.58 10.38
CA LEU A 151 -0.39 5.56 11.41
C LEU A 151 -1.78 5.72 11.98
N GLU A 152 -2.56 4.63 11.98
CA GLU A 152 -3.83 4.65 12.67
C GLU A 152 -3.63 4.85 14.16
N ASN A 153 -2.65 4.16 14.74
CA ASN A 153 -2.25 4.38 16.12
C ASN A 153 -0.94 5.15 16.12
N GLY A 154 -0.93 6.29 16.79
CA GLY A 154 0.25 7.14 16.78
C GLY A 154 1.43 6.49 17.47
N LEU A 155 2.62 6.97 17.13
CA LEU A 155 3.86 6.50 17.71
C LEU A 155 4.46 7.62 18.54
N GLU A 156 4.81 7.31 19.79
CA GLU A 156 5.42 8.28 20.69
C GLU A 156 6.78 7.73 21.11
N VAL A 157 7.79 7.99 20.29
CA VAL A 157 9.15 7.56 20.58
C VAL A 157 9.69 8.40 21.71
N VAL A 158 10.10 7.75 22.80
CA VAL A 158 10.58 8.44 23.99
C VAL A 158 12.02 8.03 24.24
N GLY A 159 12.92 9.00 24.30
CA GLY A 159 14.28 8.74 24.73
C GLY A 159 14.46 9.19 26.17
N PHE A 160 14.50 8.23 27.10
CA PHE A 160 14.56 8.57 28.50
C PHE A 160 15.96 9.07 28.88
N GLY A 161 16.10 9.46 30.15
CA GLY A 161 17.37 9.92 30.67
C GLY A 161 17.41 9.78 32.17
N ALA A 162 18.64 9.78 32.70
CA ALA A 162 18.87 9.61 34.13
C ALA A 162 18.26 8.32 34.64
N GLU A 163 18.11 7.34 33.75
CA GLU A 163 17.55 6.05 34.15
C GLU A 163 18.45 5.33 35.14
N GLU A 164 19.77 5.44 34.95
CA GLU A 164 20.69 4.80 35.88
C GLU A 164 20.62 5.39 37.28
N GLU A 165 19.99 6.56 37.42
CA GLU A 165 19.82 7.20 38.72
C GLU A 165 18.62 6.68 39.49
N GLY A 166 18.06 5.54 39.11
CA GLY A 166 16.92 4.99 39.81
C GLY A 166 15.62 5.07 39.03
N LEU A 167 15.70 4.87 37.72
CA LEU A 167 14.54 4.88 36.84
C LEU A 167 13.77 6.19 36.94
N ARG A 168 14.49 7.29 37.17
CA ARG A 168 13.83 8.58 37.37
C ARG A 168 13.09 9.03 36.12
N GLY A 169 13.69 8.84 34.95
CA GLY A 169 13.07 9.32 33.73
C GLY A 169 11.74 8.66 33.44
N SER A 170 11.69 7.34 33.56
CA SER A 170 10.44 6.62 33.27
C SER A 170 9.36 6.95 34.28
N ARG A 171 9.71 6.97 35.57
CA ARG A 171 8.72 7.29 36.58
C ARG A 171 8.19 8.71 36.42
N ALA A 172 9.07 9.65 36.10
CA ALA A 172 8.63 11.02 35.86
C ALA A 172 7.74 11.10 34.64
N TYR A 173 8.07 10.36 33.58
CA TYR A 173 7.22 10.34 32.40
C TYR A 173 5.83 9.81 32.73
N VAL A 174 5.76 8.72 33.49
CA VAL A 174 4.47 8.16 33.86
C VAL A 174 3.70 9.13 34.76
N GLU A 175 4.41 9.83 35.65
CA GLU A 175 3.77 10.84 36.48
C GLU A 175 3.18 11.96 35.63
N SER A 176 3.90 12.40 34.60
CA SER A 176 3.38 13.42 33.71
C SER A 176 2.16 12.94 32.95
N LEU A 177 1.99 11.62 32.79
CA LEU A 177 0.81 11.09 32.15
C LEU A 177 -0.43 11.29 33.02
N ASP A 178 -1.52 11.70 32.40
CA ASP A 178 -2.79 11.90 33.08
C ASP A 178 -3.70 10.70 32.83
N ALA A 179 -4.96 10.82 33.26
CA ALA A 179 -5.91 9.72 33.09
C ALA A 179 -6.14 9.40 31.62
N SER A 180 -6.26 10.43 30.78
CA SER A 180 -6.54 10.19 29.37
C SER A 180 -5.37 9.49 28.69
N GLN A 181 -4.15 9.94 28.95
CA GLN A 181 -2.99 9.31 28.33
C GLN A 181 -2.83 7.87 28.82
N ARG A 182 -3.03 7.62 30.11
CA ARG A 182 -2.93 6.27 30.63
C ARG A 182 -4.01 5.36 30.03
N ALA A 183 -5.20 5.90 29.82
CA ALA A 183 -6.24 5.13 29.14
C ALA A 183 -5.85 4.82 27.71
N ASN A 184 -5.20 5.78 27.03
CA ASN A 184 -4.86 5.65 25.63
C ASN A 184 -3.50 5.01 25.39
N LEU A 185 -2.83 4.54 26.45
CA LEU A 185 -1.56 3.84 26.27
C LEU A 185 -1.79 2.46 25.69
N LEU A 186 -1.68 2.33 24.36
CA LEU A 186 -1.88 1.04 23.73
C LEU A 186 -0.84 0.03 24.19
N GLY A 187 0.35 0.51 24.57
CA GLY A 187 1.38 -0.38 25.05
C GLY A 187 2.68 0.37 25.24
N MET A 188 3.73 -0.39 25.53
CA MET A 188 5.05 0.17 25.76
C MET A 188 6.11 -0.81 25.31
N ILE A 189 7.11 -0.32 24.58
CA ILE A 189 8.27 -1.09 24.16
C ILE A 189 9.50 -0.40 24.69
N ASN A 190 10.38 -1.17 25.32
CA ASN A 190 11.56 -0.63 25.96
C ASN A 190 12.82 -1.21 25.33
N LEU A 191 13.87 -0.41 25.28
CA LEU A 191 15.15 -0.82 24.74
C LEU A 191 16.25 -0.59 25.76
N ASP A 192 17.20 -1.52 25.83
CA ASP A 192 18.32 -1.41 26.75
C ASP A 192 19.33 -2.50 26.40
N SER A 193 20.61 -2.12 26.38
CA SER A 193 21.73 -3.07 26.24
C SER A 193 21.53 -4.00 25.04
N LEU A 194 21.55 -3.39 23.86
CA LEU A 194 21.25 -4.08 22.61
C LEU A 194 22.49 -4.58 21.88
N VAL A 195 23.63 -4.69 22.55
CA VAL A 195 24.85 -5.12 21.88
C VAL A 195 25.52 -6.29 22.59
N THR A 196 25.77 -6.15 23.89
CA THR A 196 26.64 -7.09 24.60
C THR A 196 26.07 -8.50 24.56
N GLY A 197 24.79 -8.66 24.83
CA GLY A 197 24.18 -9.97 24.88
C GLY A 197 24.27 -10.73 23.58
N ASP A 198 24.81 -11.95 23.64
CA ASP A 198 24.94 -12.77 22.44
C ASP A 198 23.58 -13.17 21.89
N LYS A 199 22.71 -13.68 22.76
CA LYS A 199 21.36 -14.07 22.38
C LYS A 199 20.39 -12.97 22.81
N MET A 200 19.74 -12.35 21.84
CA MET A 200 18.79 -11.29 22.15
C MET A 200 17.51 -11.89 22.72
N TYR A 201 16.83 -11.10 23.55
CA TYR A 201 15.60 -11.51 24.19
C TYR A 201 14.57 -10.41 24.05
N ALA A 202 13.30 -10.79 24.19
CA ALA A 202 12.19 -9.84 24.19
C ALA A 202 11.10 -10.41 25.10
N HIS A 203 11.15 -10.00 26.37
CA HIS A 203 10.27 -10.54 27.39
C HIS A 203 9.30 -9.46 27.87
N ALA A 204 8.08 -9.87 28.17
CA ALA A 204 7.03 -8.95 28.60
C ALA A 204 7.26 -8.56 30.06
N GLY A 205 6.30 -7.86 30.64
CA GLY A 205 6.46 -7.35 31.99
C GLY A 205 6.12 -8.37 33.06
N SER A 206 6.46 -8.02 34.30
CA SER A 206 6.17 -8.86 35.44
C SER A 206 4.68 -8.94 35.75
N ASN A 207 3.87 -8.10 35.11
CA ASN A 207 2.42 -8.17 35.26
C ASN A 207 1.77 -9.18 34.32
N SER A 208 2.57 -9.91 33.54
CA SER A 208 2.03 -10.92 32.64
C SER A 208 1.45 -12.11 33.40
N VAL A 209 1.80 -12.29 34.66
CA VAL A 209 1.30 -13.44 35.42
C VAL A 209 -0.20 -13.33 35.64
N SER A 210 -0.71 -12.10 35.83
CA SER A 210 -2.14 -11.93 36.06
C SER A 210 -2.93 -12.11 34.78
N ASN A 211 -2.66 -11.27 33.77
CA ASN A 211 -3.35 -11.38 32.49
C ASN A 211 -2.49 -12.18 31.52
N PRO A 212 -2.93 -13.35 31.06
CA PRO A 212 -2.16 -14.07 30.05
C PRO A 212 -2.03 -13.31 28.74
N ALA A 213 -2.92 -12.36 28.46
CA ALA A 213 -2.89 -11.59 27.24
C ALA A 213 -2.03 -10.34 27.36
N LEU A 214 -1.37 -10.13 28.50
CA LEU A 214 -0.52 -8.95 28.66
C LEU A 214 0.66 -8.99 27.71
N GLY A 215 1.25 -10.16 27.51
CA GLY A 215 2.42 -10.28 26.65
C GLY A 215 2.09 -10.34 25.17
N ALA A 216 1.11 -9.53 24.75
CA ALA A 216 0.76 -9.49 23.34
C ALA A 216 1.92 -9.00 22.49
N TYR A 217 2.64 -7.99 22.98
CA TYR A 217 3.79 -7.50 22.23
C TYR A 217 4.89 -8.56 22.18
N ARG A 218 5.09 -9.28 23.28
CA ARG A 218 6.06 -10.37 23.29
C ARG A 218 5.70 -11.39 22.22
N GLU A 219 4.43 -11.78 22.15
CA GLU A 219 4.02 -12.76 21.16
C GLU A 219 4.18 -12.24 19.74
N GLN A 220 3.82 -10.97 19.51
CA GLN A 220 3.94 -10.41 18.18
C GLN A 220 5.40 -10.33 17.73
N ILE A 221 6.28 -9.90 18.62
CA ILE A 221 7.69 -9.80 18.23
C ILE A 221 8.28 -11.19 18.04
N LEU A 222 7.86 -12.17 18.83
CA LEU A 222 8.30 -13.54 18.59
C LEU A 222 7.85 -14.03 17.23
N ARG A 223 6.59 -13.76 16.87
CA ARG A 223 6.09 -14.17 15.56
C ARG A 223 6.88 -13.50 14.44
N ILE A 224 7.16 -12.20 14.57
CA ILE A 224 7.87 -11.50 13.52
C ILE A 224 9.31 -12.01 13.41
N ALA A 225 9.97 -12.24 14.54
CA ALA A 225 11.33 -12.76 14.51
C ALA A 225 11.37 -14.13 13.87
N ARG A 226 10.38 -14.98 14.18
CA ARG A 226 10.32 -16.29 13.56
C ARG A 226 10.10 -16.19 12.06
N GLU A 227 9.23 -15.27 11.62
CA GLU A 227 8.92 -15.17 10.20
C GLU A 227 10.00 -14.46 9.40
N LEU A 228 10.89 -13.70 10.05
CA LEU A 228 11.94 -12.97 9.35
C LEU A 228 13.31 -13.60 9.51
N ASP A 229 13.39 -14.85 9.99
CA ASP A 229 14.65 -15.55 10.20
C ASP A 229 15.59 -14.77 11.12
N ILE A 230 15.01 -14.08 12.11
CA ILE A 230 15.76 -13.31 13.08
C ILE A 230 15.75 -14.09 14.40
N PRO A 231 16.90 -14.57 14.87
CA PRO A 231 16.92 -15.35 16.11
C PRO A 231 16.62 -14.44 17.31
N LEU A 232 15.51 -14.74 18.00
CA LEU A 232 15.10 -13.94 19.15
C LEU A 232 14.46 -14.88 20.17
N PHE A 233 15.20 -15.21 21.21
CA PHE A 233 14.68 -16.04 22.28
C PHE A 233 13.82 -15.20 23.22
N THR A 234 13.45 -15.78 24.35
CA THR A 234 12.72 -15.08 25.40
C THR A 234 13.28 -15.53 26.74
N ASN A 235 12.73 -15.01 27.82
CA ASN A 235 13.20 -15.37 29.15
C ASN A 235 12.84 -16.82 29.45
N PRO A 236 13.82 -17.70 29.67
CA PRO A 236 13.49 -19.11 29.93
C PRO A 236 12.73 -19.32 31.23
N GLY A 237 12.80 -18.39 32.16
CA GLY A 237 12.12 -18.57 33.43
C GLY A 237 12.75 -19.60 34.34
N LEU A 238 14.02 -19.92 34.11
CA LEU A 238 14.69 -20.92 34.94
C LEU A 238 14.77 -20.46 36.39
N ASN A 239 15.08 -19.20 36.62
CA ASN A 239 15.19 -18.68 37.97
C ASN A 239 13.80 -18.36 38.51
N ALA A 240 13.48 -18.90 39.68
CA ALA A 240 12.20 -18.61 40.30
C ALA A 240 12.11 -17.18 40.80
N GLU A 241 13.24 -16.50 40.94
CA GLU A 241 13.21 -15.11 41.42
C GLU A 241 12.51 -14.19 40.42
N TYR A 242 12.56 -14.52 39.14
CA TYR A 242 11.91 -13.70 38.13
C TYR A 242 10.83 -14.51 37.41
N PRO A 243 9.72 -13.87 37.03
CA PRO A 243 8.64 -14.61 36.36
C PRO A 243 9.09 -15.17 35.02
N ALA A 244 8.50 -16.30 34.65
CA ALA A 244 8.85 -16.95 33.40
C ALA A 244 8.44 -16.08 32.21
N GLY A 245 9.38 -15.85 31.30
CA GLY A 245 9.10 -15.07 30.12
C GLY A 245 9.02 -13.58 30.32
N THR A 246 9.43 -13.06 31.48
CA THR A 246 9.34 -11.64 31.78
C THR A 246 10.69 -11.11 32.26
N GLY A 247 10.95 -9.84 31.95
CA GLY A 247 12.13 -9.17 32.43
C GLY A 247 11.81 -8.24 33.60
N CYS A 248 12.83 -7.48 34.00
CA CYS A 248 12.71 -6.60 35.16
C CYS A 248 13.85 -5.59 35.15
N CYS A 249 13.71 -4.58 36.01
CA CYS A 249 14.74 -3.58 36.26
C CYS A 249 15.11 -2.82 34.98
N SER A 250 14.11 -2.18 34.40
CA SER A 250 14.29 -1.35 33.22
C SER A 250 13.25 -0.24 33.25
N ASP A 251 13.05 0.42 32.11
CA ASP A 251 12.15 1.57 32.05
C ASP A 251 10.70 1.18 32.31
N GLY A 252 10.30 -0.03 31.93
CA GLY A 252 8.90 -0.41 32.07
C GLY A 252 8.47 -0.72 33.49
N GLU A 253 9.36 -0.59 34.46
CA GLU A 253 8.97 -0.79 35.85
C GLU A 253 7.84 0.16 36.24
N SER A 254 7.88 1.38 35.73
CA SER A 254 6.80 2.33 35.98
C SER A 254 5.57 2.01 35.13
N PHE A 255 5.77 1.57 33.89
CA PHE A 255 4.64 1.22 33.03
C PHE A 255 3.88 0.00 33.54
N ASN A 256 4.50 -0.82 34.37
CA ASN A 256 3.82 -1.99 34.91
C ASN A 256 2.61 -1.61 35.78
N GLY A 257 2.52 -0.35 36.21
CA GLY A 257 1.43 0.08 37.06
C GLY A 257 0.06 -0.07 36.45
N MET A 258 -0.03 -0.14 35.13
CA MET A 258 -1.29 -0.32 34.44
C MET A 258 -1.29 -1.63 33.67
N ASP A 259 -2.50 -2.16 33.44
CA ASP A 259 -2.67 -3.43 32.72
C ASP A 259 -2.63 -3.18 31.22
N ILE A 260 -1.45 -2.79 30.76
CA ILE A 260 -1.20 -2.51 29.34
C ILE A 260 -0.03 -3.36 28.90
N PRO A 261 0.07 -3.71 27.63
CA PRO A 261 1.21 -4.52 27.18
C PRO A 261 2.53 -3.83 27.46
N VAL A 262 3.51 -4.61 27.89
CA VAL A 262 4.85 -4.11 28.17
C VAL A 262 5.84 -5.07 27.53
N LEU A 263 6.91 -4.53 26.97
CA LEU A 263 7.90 -5.35 26.28
C LEU A 263 9.29 -4.79 26.58
N PHE A 264 10.09 -5.53 27.33
CA PHE A 264 11.50 -5.21 27.50
C PHE A 264 12.28 -5.92 26.40
N ILE A 265 13.12 -5.17 25.69
CA ILE A 265 13.96 -5.74 24.65
C ILE A 265 15.40 -5.52 25.06
N GLU A 266 16.07 -6.58 25.46
CA GLU A 266 17.44 -6.53 25.94
C GLU A 266 18.24 -7.65 25.29
N ALA A 267 19.55 -7.49 25.28
CA ALA A 267 20.47 -8.53 24.85
C ALA A 267 21.28 -8.97 26.06
N THR A 268 21.02 -10.19 26.53
CA THR A 268 21.69 -10.75 27.69
C THR A 268 21.95 -12.22 27.42
N ASN A 269 22.29 -12.97 28.48
CA ASN A 269 22.49 -14.41 28.40
C ASN A 269 21.94 -15.01 29.69
N TRP A 270 20.66 -15.40 29.66
CA TRP A 270 19.99 -15.87 30.85
C TRP A 270 20.40 -17.27 31.28
N GLU A 271 21.13 -18.00 30.45
CA GLU A 271 21.59 -19.34 30.79
C GLU A 271 22.98 -19.33 31.43
N LEU A 272 23.57 -18.15 31.63
CA LEU A 272 24.92 -18.03 32.16
C LEU A 272 24.90 -17.29 33.49
N GLY A 273 25.87 -17.61 34.34
CA GLY A 273 25.97 -16.94 35.62
C GLY A 273 24.85 -17.35 36.56
N ASP A 274 24.39 -16.38 37.35
CA ASP A 274 23.29 -16.61 38.29
C ASP A 274 21.93 -16.66 37.62
N LEU A 275 21.90 -16.79 36.30
CA LEU A 275 20.66 -16.86 35.53
C LEU A 275 19.82 -15.59 35.70
N ASP A 276 20.49 -14.45 35.85
CA ASP A 276 19.82 -13.16 35.91
C ASP A 276 20.26 -12.20 34.81
N GLY A 277 21.14 -12.63 33.91
CA GLY A 277 21.54 -11.83 32.79
C GLY A 277 22.70 -10.89 33.04
N TYR A 278 23.27 -10.88 34.24
CA TYR A 278 24.40 -10.00 34.52
C TYR A 278 25.60 -10.35 33.65
N GLU A 279 25.88 -11.65 33.49
CA GLU A 279 26.91 -12.11 32.55
C GLU A 279 26.24 -12.22 31.18
N GLN A 280 26.07 -11.06 30.54
CA GLN A 280 25.27 -10.97 29.33
C GLN A 280 25.90 -11.68 28.14
N THR A 281 27.21 -11.92 28.17
CA THR A 281 27.90 -12.57 27.06
C THR A 281 28.78 -13.70 27.58
N ASP A 282 28.74 -14.83 26.87
CA ASP A 282 29.61 -15.96 27.18
C ASP A 282 31.01 -15.77 26.61
N ASN A 283 31.21 -14.79 25.73
CA ASN A 283 32.52 -14.48 25.21
C ASN A 283 33.41 -13.95 26.34
N PRO A 284 34.73 -14.04 26.19
CA PRO A 284 35.64 -13.59 27.27
C PRO A 284 35.32 -12.19 27.76
N ALA A 285 35.41 -11.19 26.86
CA ALA A 285 35.09 -9.81 27.17
C ALA A 285 35.64 -9.36 28.52
N ILE A 286 34.76 -9.24 29.50
CA ILE A 286 35.16 -8.90 30.86
C ILE A 286 34.95 -10.09 31.79
N THR A 291 31.25 -6.51 32.90
CA THR A 291 30.65 -6.57 31.58
C THR A 291 29.65 -5.44 31.37
N TRP A 292 29.21 -4.84 32.48
CA TRP A 292 28.21 -3.78 32.43
C TRP A 292 28.87 -2.41 32.34
N HIS A 293 28.10 -1.37 32.56
CA HIS A 293 28.60 0.00 32.48
C HIS A 293 29.65 0.25 33.55
N ASP A 294 30.86 0.61 33.11
CA ASP A 294 31.96 0.91 34.01
C ASP A 294 33.09 1.58 33.24
N PRO A 295 33.92 2.40 33.90
CA PRO A 295 35.03 3.05 33.19
C PRO A 295 36.01 2.07 32.56
N ALA A 296 36.30 0.96 33.22
CA ALA A 296 37.36 0.07 32.77
C ALA A 296 37.01 -0.66 31.47
N GLU A 297 35.74 -0.71 31.11
CA GLU A 297 35.31 -1.40 29.89
C GLU A 297 34.23 -0.56 29.22
N ASP A 298 33.52 -1.19 28.29
CA ASP A 298 32.43 -0.55 27.55
C ASP A 298 32.94 0.67 26.78
N ASN A 299 33.86 0.41 25.86
CA ASN A 299 34.37 1.42 24.94
C ASN A 299 34.16 0.94 23.51
N LYS A 300 34.12 1.90 22.58
CA LYS A 300 33.93 1.55 21.18
C LYS A 300 35.03 0.63 20.70
N GLU A 301 36.29 1.03 20.91
CA GLU A 301 37.42 0.21 20.44
C GLU A 301 37.48 -1.12 21.16
N VAL A 302 37.23 -1.13 22.47
CA VAL A 302 37.30 -2.38 23.22
C VAL A 302 36.21 -3.34 22.76
N LEU A 303 34.99 -2.84 22.59
CA LEU A 303 33.91 -3.69 22.11
C LEU A 303 34.18 -4.20 20.70
N THR A 304 34.74 -3.34 19.84
CA THR A 304 35.07 -3.79 18.49
C THR A 304 36.14 -4.88 18.51
N ASN A 305 37.14 -4.73 19.37
CA ASN A 305 38.21 -5.73 19.42
C ASN A 305 37.71 -7.04 20.01
N ALA A 306 36.86 -6.98 21.03
CA ALA A 306 36.49 -8.19 21.75
C ALA A 306 35.33 -8.93 21.09
N LEU A 307 34.30 -8.20 20.64
CA LEU A 307 33.11 -8.80 20.08
C LEU A 307 33.01 -8.69 18.57
N GLY A 308 33.89 -7.93 17.93
CA GLY A 308 33.85 -7.78 16.49
C GLY A 308 32.84 -6.73 16.06
N GLN A 309 33.26 -5.82 15.18
CA GLN A 309 32.35 -4.79 14.70
C GLN A 309 31.20 -5.38 13.90
N GLU A 310 31.45 -6.47 13.18
CA GLU A 310 30.39 -7.09 12.39
C GLU A 310 29.26 -7.58 13.28
N ARG A 311 29.59 -8.10 14.46
CA ARG A 311 28.55 -8.59 15.37
C ARG A 311 27.67 -7.45 15.86
N ILE A 312 28.27 -6.35 16.29
CA ILE A 312 27.49 -5.20 16.76
C ILE A 312 26.63 -4.66 15.63
N GLU A 313 27.21 -4.50 14.44
CA GLU A 313 26.45 -3.95 13.33
C GLU A 313 25.29 -4.87 12.96
N GLN A 314 25.53 -6.18 12.92
CA GLN A 314 24.47 -7.10 12.55
C GLN A 314 23.36 -7.13 13.60
N ARG A 315 23.73 -7.10 14.88
CA ARG A 315 22.71 -7.08 15.92
C ARG A 315 21.90 -5.80 15.87
N MET A 316 22.56 -4.67 15.61
CA MET A 316 21.83 -3.42 15.46
C MET A 316 20.88 -3.46 14.28
N ARG A 317 21.33 -4.01 13.15
CA ARG A 317 20.46 -4.13 11.99
C ARG A 317 19.26 -5.02 12.29
N ASP A 318 19.50 -6.16 12.96
CA ASP A 318 18.40 -7.06 13.29
C ASP A 318 17.40 -6.40 14.21
N PHE A 319 17.88 -5.67 15.23
CA PHE A 319 16.98 -4.96 16.12
C PHE A 319 16.19 -3.90 15.37
N SER A 320 16.86 -3.16 14.48
CA SER A 320 16.16 -2.14 13.71
C SER A 320 15.05 -2.75 12.88
N ARG A 321 15.35 -3.79 12.11
CA ARG A 321 14.34 -4.40 11.25
C ARG A 321 13.22 -5.03 12.06
N LEU A 322 13.57 -5.76 13.12
CA LEU A 322 12.57 -6.45 13.93
C LEU A 322 11.62 -5.45 14.59
N LEU A 323 12.18 -4.41 15.23
CA LEU A 323 11.33 -3.44 15.88
C LEU A 323 10.54 -2.60 14.89
N THR A 324 11.10 -2.32 13.71
CA THR A 324 10.34 -1.61 12.70
C THR A 324 9.12 -2.42 12.28
N ARG A 325 9.31 -3.72 12.03
CA ARG A 325 8.19 -4.57 11.67
C ARG A 325 7.18 -4.68 12.82
N LEU A 326 7.68 -4.76 14.05
CA LEU A 326 6.78 -4.86 15.21
C LEU A 326 5.95 -3.60 15.36
N VAL A 327 6.57 -2.43 15.21
CA VAL A 327 5.84 -1.18 15.34
C VAL A 327 4.87 -1.02 14.18
N LEU A 328 5.25 -1.46 12.98
CA LEU A 328 4.32 -1.44 11.86
C LEU A 328 3.09 -2.29 12.16
N GLU A 329 3.30 -3.55 12.56
CA GLU A 329 2.19 -4.44 12.82
C GLU A 329 1.38 -4.03 14.05
N GLN A 330 1.98 -3.26 14.95
CA GLN A 330 1.31 -2.93 16.22
C GLN A 330 0.58 -1.60 16.16
N THR A 331 1.21 -0.56 15.63
CA THR A 331 0.55 0.73 15.48
C THR A 331 -0.46 0.74 14.33
N ASN A 332 -0.69 -0.40 13.71
CA ASN A 332 -1.63 -0.55 12.61
C ASN A 332 -1.28 0.33 11.42
N ALA A 333 -0.04 0.81 11.36
CA ALA A 333 0.41 1.50 10.15
C ALA A 333 0.45 0.54 8.97
N ASP A 334 0.85 -0.71 9.21
CA ASP A 334 0.80 -1.71 8.15
C ASP A 334 -0.63 -1.95 7.68
N LEU A 335 -1.58 -1.97 8.62
CA LEU A 335 -2.98 -2.12 8.23
C LEU A 335 -3.47 -0.93 7.44
N LEU A 336 -3.07 0.28 7.82
CA LEU A 336 -3.46 1.47 7.07
C LEU A 336 -2.88 1.43 5.65
N ALA A 337 -1.61 1.05 5.52
CA ALA A 337 -1.01 0.94 4.20
C ALA A 337 -1.68 -0.15 3.37
N SER A 338 -2.02 -1.27 4.01
CA SER A 338 -2.68 -2.35 3.28
C SER A 338 -4.08 -1.94 2.84
N THR A 339 -4.81 -1.20 3.67
CA THR A 339 -6.13 -0.73 3.26
C THR A 339 -6.03 0.33 2.17
N ALA A 340 -5.00 1.17 2.22
CA ALA A 340 -4.81 2.14 1.14
C ALA A 340 -4.51 1.43 -0.18
N SER A 341 -3.62 0.42 -0.13
CA SER A 341 -3.34 -0.35 -1.33
C SER A 341 -4.56 -1.13 -1.80
N GLY A 342 -5.38 -1.60 -0.86
CA GLY A 342 -6.60 -2.29 -1.24
C GLY A 342 -7.60 -1.36 -1.90
N GLY A 343 -7.71 -0.13 -1.41
CA GLY A 343 -8.55 0.84 -2.07
C GLY A 343 -8.04 1.16 -3.47
N ALA A 344 -6.72 1.30 -3.63
CA ALA A 344 -6.16 1.52 -4.94
C ALA A 344 -6.42 0.34 -5.87
N LEU A 345 -6.29 -0.88 -5.34
CA LEU A 345 -6.53 -2.07 -6.15
C LEU A 345 -8.00 -2.18 -6.55
N ALA A 346 -8.91 -1.89 -5.64
CA ALA A 346 -10.33 -1.93 -5.98
C ALA A 346 -10.68 -0.87 -7.01
N ARG A 347 -10.13 0.34 -6.86
CA ARG A 347 -10.37 1.38 -7.86
C ARG A 347 -9.82 0.96 -9.21
N GLN A 348 -8.62 0.38 -9.23
CA GLN A 348 -8.06 -0.07 -10.50
C GLN A 348 -8.85 -1.23 -11.08
N MET A 349 -9.41 -2.10 -10.24
CA MET A 349 -10.24 -3.19 -10.76
C MET A 349 -11.52 -2.65 -11.38
N GLU A 350 -12.15 -1.67 -10.74
CA GLU A 350 -13.32 -1.04 -11.34
C GLU A 350 -12.95 -0.34 -12.65
N ASP A 351 -11.80 0.31 -12.68
CA ASP A 351 -11.37 0.94 -13.92
C ASP A 351 -11.10 -0.09 -15.00
N GLN A 352 -10.56 -1.26 -14.62
CA GLN A 352 -10.33 -2.32 -15.59
C GLN A 352 -11.65 -2.83 -16.15
N LEU A 353 -12.65 -2.98 -15.30
CA LEU A 353 -13.95 -3.43 -15.79
C LEU A 353 -14.55 -2.42 -16.75
N GLN A 354 -14.48 -1.13 -16.39
CA GLN A 354 -15.02 -0.11 -17.28
C GLN A 354 -14.23 -0.06 -18.58
N ARG A 355 -12.92 -0.28 -18.52
CA ARG A 355 -12.10 -0.32 -19.73
C ARG A 355 -12.49 -1.50 -20.61
N GLN A 356 -12.75 -2.66 -20.03
CA GLN A 356 -13.20 -3.81 -20.81
C GLN A 356 -14.52 -3.53 -21.50
N HIS A 357 -15.47 -2.94 -20.78
CA HIS A 357 -16.76 -2.70 -21.40
C HIS A 357 -16.70 -1.57 -22.41
N GLN A 358 -15.84 -0.58 -22.19
CA GLN A 358 -15.63 0.44 -23.21
C GLN A 358 -14.96 -0.15 -24.44
N ALA A 359 -14.10 -1.15 -24.25
CA ALA A 359 -13.54 -1.86 -25.40
C ALA A 359 -14.62 -2.63 -26.15
N LEU A 360 -15.55 -3.24 -25.43
CA LEU A 360 -16.67 -3.90 -26.09
C LEU A 360 -17.50 -2.89 -26.88
N THR A 361 -17.78 -1.74 -26.30
CA THR A 361 -18.55 -0.73 -27.04
C THR A 361 -17.75 -0.19 -28.22
N ARG A 362 -16.43 -0.13 -28.11
CA ARG A 362 -15.62 0.28 -29.26
C ARG A 362 -15.66 -0.78 -30.36
N LEU A 363 -15.68 -2.05 -29.99
CA LEU A 363 -15.87 -3.11 -30.98
C LEU A 363 -17.23 -2.94 -31.67
N HIS A 364 -18.27 -2.67 -30.88
CA HIS A 364 -19.58 -2.41 -31.48
C HIS A 364 -19.54 -1.19 -32.37
N ASP A 365 -18.76 -0.17 -32.00
CA ASP A 365 -18.66 1.03 -32.82
C ASP A 365 -17.96 0.74 -34.15
N ARG A 366 -16.91 -0.08 -34.11
CA ARG A 366 -16.27 -0.50 -35.36
C ARG A 366 -17.23 -1.30 -36.23
N ARG A 367 -18.01 -2.19 -35.61
CA ARG A 367 -19.00 -2.94 -36.38
C ARG A 367 -20.03 -2.01 -37.00
N TRP A 368 -20.47 -1.00 -36.26
CA TRP A 368 -21.42 -0.03 -36.80
C TRP A 368 -20.80 0.78 -37.93
N LEU A 369 -19.52 1.15 -37.79
CA LEU A 369 -18.83 1.82 -38.87
C LEU A 369 -18.83 0.96 -40.13
N THR A 370 -18.55 -0.33 -39.97
CA THR A 370 -18.61 -1.24 -41.10
C THR A 370 -20.01 -1.33 -41.68
N LEU A 371 -21.02 -1.37 -40.81
CA LEU A 371 -22.39 -1.61 -41.26
C LEU A 371 -23.00 -0.40 -41.94
N LEU A 372 -22.54 0.81 -41.59
CA LEU A 372 -23.13 2.01 -42.16
C LEU A 372 -22.89 2.17 -43.66
N GLY A 373 -21.98 1.38 -44.24
CA GLY A 373 -21.76 1.38 -45.67
C GLY A 373 -22.11 0.03 -46.25
N SER A 374 -22.50 0.04 -47.53
CA SER A 374 -22.83 -1.17 -48.30
C SER A 374 -23.84 -2.04 -47.54
N ASN A 375 -25.05 -1.48 -47.42
CA ASN A 375 -26.10 -2.09 -46.60
C ASN A 375 -26.31 -3.56 -46.95
N ARG A 376 -26.25 -3.90 -48.24
CA ARG A 376 -26.32 -5.27 -48.76
C ARG A 376 -27.70 -5.88 -48.53
N PRO A 377 -28.09 -6.88 -49.31
CA PRO A 377 -29.42 -7.48 -49.13
C PRO A 377 -29.55 -8.16 -47.78
N VAL A 378 -30.79 -8.19 -47.28
CA VAL A 378 -31.07 -8.83 -46.00
C VAL A 378 -30.80 -10.34 -46.08
N GLY A 379 -30.73 -10.96 -44.92
CA GLY A 379 -30.53 -12.40 -44.88
C GLY A 379 -29.13 -12.78 -45.33
N SER A 380 -29.04 -13.87 -46.08
CA SER A 380 -27.77 -14.42 -46.57
C SER A 380 -26.86 -14.76 -45.39
N PHE A 381 -25.55 -14.81 -45.64
CA PHE A 381 -24.56 -15.10 -44.60
C PHE A 381 -23.76 -13.83 -44.33
N ASP A 382 -23.81 -13.36 -43.08
CA ASP A 382 -23.21 -12.09 -42.72
C ASP A 382 -22.49 -12.13 -41.38
N GLY A 383 -22.27 -13.31 -40.80
CA GLY A 383 -21.62 -13.39 -39.52
C GLY A 383 -20.18 -12.94 -39.57
N GLU A 384 -19.70 -12.44 -38.43
CA GLU A 384 -18.34 -11.94 -38.31
C GLU A 384 -17.69 -12.52 -37.05
N VAL A 385 -16.38 -12.66 -37.10
CA VAL A 385 -15.59 -13.18 -35.98
C VAL A 385 -14.20 -12.56 -36.10
N GLY A 386 -13.39 -12.75 -35.06
CA GLY A 386 -12.02 -12.28 -35.13
C GLY A 386 -11.42 -12.16 -33.75
N ALA A 387 -10.14 -11.85 -33.73
CA ALA A 387 -9.40 -11.60 -32.50
C ALA A 387 -8.98 -10.14 -32.46
N GLU A 388 -9.06 -9.53 -31.28
CA GLU A 388 -8.71 -8.13 -31.12
C GLU A 388 -7.73 -8.00 -29.97
N GLY A 389 -6.73 -7.14 -30.17
CA GLY A 389 -5.74 -6.88 -29.15
C GLY A 389 -5.62 -5.39 -28.88
N GLU A 390 -4.98 -5.06 -27.77
CA GLU A 390 -4.86 -3.68 -27.33
C GLU A 390 -3.62 -3.54 -26.45
N VAL A 391 -2.93 -2.42 -26.60
CA VAL A 391 -1.77 -2.09 -25.78
C VAL A 391 -2.03 -0.74 -25.14
N SER A 392 -2.03 -0.69 -23.81
CA SER A 392 -2.25 0.54 -23.09
C SER A 392 -0.91 1.10 -22.63
N PRO A 393 -0.52 2.29 -23.05
CA PRO A 393 0.76 2.86 -22.59
C PRO A 393 0.72 3.15 -21.11
N ASP A 394 1.89 3.06 -20.49
CA ASP A 394 2.02 3.34 -19.06
C ASP A 394 1.87 4.80 -18.72
N SER A 395 1.50 5.64 -19.69
CA SER A 395 1.31 7.07 -19.46
C SER A 395 -0.04 7.39 -18.84
N GLY A 396 -0.92 6.41 -18.68
CA GLY A 396 -2.22 6.69 -18.09
C GLY A 396 -2.14 7.23 -16.68
N PHE A 397 -1.29 6.60 -15.85
CA PHE A 397 -1.04 7.00 -14.46
C PHE A 397 -2.40 7.15 -13.78
N ASP A 398 -2.69 8.28 -13.14
CA ASP A 398 -3.92 8.54 -12.39
C ASP A 398 -4.01 7.64 -11.17
N MET A 399 -4.28 6.35 -11.38
CA MET A 399 -4.30 5.40 -10.28
C MET A 399 -2.91 5.25 -9.69
N PRO A 400 -2.82 5.02 -8.37
CA PRO A 400 -1.50 4.98 -7.72
C PRO A 400 -0.59 3.87 -8.22
N GLY A 401 -1.13 2.83 -8.83
CA GLY A 401 -0.32 1.69 -9.20
C GLY A 401 0.37 1.74 -10.54
N ASN A 402 0.33 2.88 -11.24
CA ASN A 402 0.96 3.00 -12.56
C ASN A 402 0.36 1.96 -13.51
N PRO A 403 -0.88 2.15 -13.95
CA PRO A 403 -1.57 1.09 -14.69
C PRO A 403 -1.10 0.88 -16.12
N GLU A 404 -0.05 0.09 -16.32
CA GLU A 404 0.29 -0.41 -17.63
C GLU A 404 -0.54 -1.66 -17.93
N SER A 405 -1.24 -1.66 -19.06
CA SER A 405 -2.19 -2.72 -19.35
C SER A 405 -2.06 -3.16 -20.80
N ARG A 406 -2.62 -4.33 -21.08
CA ARG A 406 -2.74 -4.81 -22.45
C ARG A 406 -3.91 -5.78 -22.52
N ARG A 407 -4.72 -5.64 -23.57
CA ARG A 407 -5.95 -6.40 -23.72
C ARG A 407 -5.85 -7.30 -24.95
N ALA A 408 -6.59 -8.40 -24.91
CA ALA A 408 -6.67 -9.31 -26.05
C ALA A 408 -7.89 -10.19 -25.85
N GLY A 409 -8.33 -10.81 -26.94
CA GLY A 409 -9.39 -11.78 -26.84
C GLY A 409 -10.14 -11.96 -28.14
N VAL A 410 -11.17 -12.79 -28.07
CA VAL A 410 -11.96 -13.18 -29.20
C VAL A 410 -13.29 -12.40 -29.16
N HIS A 411 -14.03 -12.46 -30.26
CA HIS A 411 -15.37 -11.88 -30.29
C HIS A 411 -16.10 -12.40 -31.53
N LEU A 412 -17.43 -12.40 -31.45
CA LEU A 412 -18.30 -12.89 -32.51
C LEU A 412 -19.32 -11.81 -32.85
N LEU A 413 -19.86 -11.89 -34.07
CA LEU A 413 -20.84 -10.91 -34.54
C LEU A 413 -21.78 -11.58 -35.53
N GLY A 414 -22.98 -11.00 -35.65
CA GLY A 414 -23.97 -11.46 -36.60
C GLY A 414 -25.19 -10.58 -36.55
N ASP A 415 -25.73 -10.20 -37.71
CA ASP A 415 -26.86 -9.26 -37.75
C ASP A 415 -27.56 -9.31 -39.10
N TYR A 416 -28.89 -9.44 -39.08
CA TYR A 416 -29.69 -9.32 -40.28
C TYR A 416 -31.11 -8.94 -39.89
N ARG A 417 -31.75 -8.09 -40.69
CA ARG A 417 -33.14 -7.70 -40.47
C ARG A 417 -33.65 -7.02 -41.72
N TYR A 418 -34.95 -7.18 -41.98
CA TYR A 418 -35.54 -6.75 -43.24
C TYR A 418 -35.57 -5.21 -43.34
N SER A 419 -35.95 -4.76 -44.55
CA SER A 419 -36.12 -3.35 -44.90
C SER A 419 -34.77 -2.63 -45.03
N GLU A 420 -33.70 -3.30 -44.65
CA GLU A 420 -32.32 -2.79 -44.70
C GLU A 420 -32.16 -1.49 -43.92
N ALA A 421 -33.16 -1.08 -43.14
CA ALA A 421 -33.06 0.13 -42.34
C ALA A 421 -32.59 -0.20 -40.93
N LEU A 422 -33.36 -1.01 -40.21
CA LEU A 422 -33.01 -1.45 -38.87
C LEU A 422 -32.48 -2.88 -38.93
N THR A 423 -31.38 -3.13 -38.23
CA THR A 423 -30.76 -4.45 -38.20
C THR A 423 -30.27 -4.70 -36.79
N LEU A 424 -30.83 -5.72 -36.13
CA LEU A 424 -30.46 -6.07 -34.76
C LEU A 424 -29.70 -7.39 -34.75
N GLY A 425 -28.57 -7.41 -34.04
CA GLY A 425 -27.74 -8.60 -33.99
C GLY A 425 -26.98 -8.66 -32.69
N GLY A 426 -26.28 -9.79 -32.51
CA GLY A 426 -25.61 -10.10 -31.27
C GLY A 426 -24.10 -10.19 -31.40
N SER A 427 -23.47 -10.45 -30.26
CA SER A 427 -22.02 -10.55 -30.19
C SER A 427 -21.64 -11.34 -28.94
N LEU A 428 -20.60 -12.17 -29.07
CA LEU A 428 -20.09 -12.98 -27.97
C LEU A 428 -18.59 -12.73 -27.86
N ALA A 429 -18.19 -11.98 -26.86
CA ALA A 429 -16.83 -11.48 -26.75
C ALA A 429 -16.08 -12.13 -25.60
N PHE A 430 -14.77 -12.24 -25.76
CA PHE A 430 -13.85 -12.73 -24.75
C PHE A 430 -12.70 -11.75 -24.64
N GLN A 431 -12.32 -11.40 -23.42
CA GLN A 431 -11.28 -10.41 -23.21
C GLN A 431 -10.48 -10.75 -21.97
N ARG A 432 -9.17 -10.49 -22.01
CA ARG A 432 -8.27 -10.77 -20.89
C ARG A 432 -7.30 -9.61 -20.79
N SER A 433 -7.66 -8.58 -20.01
CA SER A 433 -6.87 -7.38 -19.88
C SER A 433 -5.97 -7.52 -18.65
N ARG A 434 -4.69 -7.82 -18.88
CA ARG A 434 -3.73 -8.00 -17.80
C ARG A 434 -3.25 -6.63 -17.36
N ASP A 435 -4.10 -5.93 -16.65
CA ASP A 435 -3.76 -4.62 -16.08
C ASP A 435 -2.72 -4.83 -14.99
N LYS A 436 -1.54 -4.25 -15.17
CA LYS A 436 -0.40 -4.50 -14.30
C LYS A 436 -0.21 -3.33 -13.33
N LEU A 437 -0.13 -3.64 -12.05
CA LEU A 437 0.09 -2.65 -11.01
C LEU A 437 1.59 -2.41 -10.87
N ASP A 438 1.98 -1.70 -9.81
CA ASP A 438 3.38 -1.42 -9.52
C ASP A 438 3.92 -2.42 -8.50
N HIS A 439 5.25 -2.46 -8.40
CA HIS A 439 5.93 -3.36 -7.47
C HIS A 439 5.52 -4.81 -7.71
N GLY A 440 5.40 -5.19 -8.97
CA GLY A 440 5.05 -6.54 -9.33
C GLY A 440 3.57 -6.86 -9.22
N GLY A 441 2.74 -5.90 -8.87
CA GLY A 441 1.31 -6.15 -8.85
C GLY A 441 0.79 -6.49 -10.23
N ARG A 442 -0.25 -7.33 -10.26
CA ARG A 442 -0.81 -7.77 -11.53
C ARG A 442 -2.27 -8.16 -11.33
N ILE A 443 -3.13 -7.59 -12.17
CA ILE A 443 -4.55 -7.93 -12.22
C ILE A 443 -4.85 -8.50 -13.60
N GLU A 444 -5.52 -9.64 -13.64
CA GLU A 444 -5.89 -10.25 -14.91
C GLU A 444 -7.19 -11.00 -14.73
N GLY A 445 -8.02 -10.98 -15.76
CA GLY A 445 -9.28 -11.70 -15.70
C GLY A 445 -9.88 -12.03 -17.06
N ASP A 446 -10.20 -13.30 -17.26
CA ASP A 446 -10.97 -13.68 -18.44
C ASP A 446 -12.38 -13.15 -18.33
N THR A 447 -12.94 -12.72 -19.46
CA THR A 447 -14.25 -12.09 -19.50
C THR A 447 -15.06 -12.66 -20.65
N TRP A 448 -16.34 -12.90 -20.39
CA TRP A 448 -17.30 -13.28 -21.42
C TRP A 448 -18.35 -12.19 -21.52
N GLN A 449 -18.53 -11.67 -22.73
CA GLN A 449 -19.44 -10.55 -22.97
C GLN A 449 -20.50 -10.96 -23.98
N LEU A 450 -21.75 -10.60 -23.69
CA LEU A 450 -22.86 -10.86 -24.59
C LEU A 450 -23.62 -9.57 -24.80
N GLY A 451 -23.81 -9.18 -26.04
CA GLY A 451 -24.44 -7.91 -26.35
C GLY A 451 -25.49 -8.06 -27.43
N LEU A 452 -26.54 -7.25 -27.32
CA LEU A 452 -27.60 -7.17 -28.31
C LEU A 452 -27.73 -5.73 -28.75
N PHE A 453 -27.45 -5.46 -30.02
CA PHE A 453 -27.44 -4.11 -30.55
C PHE A 453 -28.26 -4.03 -31.82
N GLY A 454 -28.95 -2.91 -32.00
CA GLY A 454 -29.72 -2.69 -33.20
C GLY A 454 -29.43 -1.35 -33.84
N LEU A 455 -28.92 -1.37 -35.07
CA LEU A 455 -28.55 -0.17 -35.80
C LEU A 455 -29.67 0.17 -36.77
N TYR A 456 -30.07 1.45 -36.79
CA TYR A 456 -31.16 1.91 -37.64
C TYR A 456 -30.68 3.07 -38.50
N ASN A 457 -30.81 2.92 -39.82
CA ASN A 457 -30.50 3.99 -40.76
C ASN A 457 -31.31 3.77 -42.02
N ASP A 458 -32.07 4.79 -42.43
CA ASP A 458 -32.84 4.74 -43.66
C ASP A 458 -32.02 5.12 -44.89
N GLY A 459 -30.70 5.12 -44.77
CA GLY A 459 -29.82 5.47 -45.86
C GLY A 459 -29.45 6.92 -45.95
N GLY A 460 -30.07 7.78 -45.15
CA GLY A 460 -29.78 9.19 -45.15
C GLY A 460 -28.69 9.55 -44.15
N PRO A 461 -28.47 10.86 -43.97
CA PRO A 461 -27.48 11.28 -42.96
C PRO A 461 -27.82 10.84 -41.55
N GLU A 462 -29.09 10.75 -41.20
CA GLU A 462 -29.49 10.48 -39.82
C GLU A 462 -29.42 8.98 -39.52
N TRP A 463 -28.93 8.66 -38.32
CA TRP A 463 -28.87 7.28 -37.85
C TRP A 463 -29.06 7.27 -36.34
N LEU A 464 -29.48 6.12 -35.82
CA LEU A 464 -29.63 5.92 -34.39
C LEU A 464 -29.53 4.43 -34.14
N ALA A 465 -29.31 4.06 -32.88
CA ALA A 465 -29.07 2.66 -32.55
C ALA A 465 -29.36 2.43 -31.07
N GLY A 466 -29.02 1.24 -30.61
CA GLY A 466 -29.15 0.84 -29.22
C GLY A 466 -28.19 -0.30 -28.95
N GLU A 467 -28.11 -0.68 -27.68
CA GLU A 467 -27.12 -1.66 -27.26
C GLU A 467 -27.38 -2.08 -25.83
N LEU A 468 -27.04 -3.35 -25.53
CA LEU A 468 -27.04 -3.87 -24.18
C LEU A 468 -25.84 -4.79 -24.04
N ASN A 469 -25.54 -5.19 -22.81
CA ASN A 469 -24.36 -6.02 -22.58
C ASN A 469 -24.51 -6.81 -21.28
N LEU A 470 -23.69 -7.85 -21.16
CA LEU A 470 -23.64 -8.69 -19.98
C LEU A 470 -22.25 -9.31 -19.90
N GLY A 471 -21.60 -9.18 -18.74
CA GLY A 471 -20.24 -9.64 -18.60
C GLY A 471 -19.97 -10.38 -17.31
N HIS A 472 -19.37 -11.57 -17.41
CA HIS A 472 -19.12 -12.45 -16.28
C HIS A 472 -17.62 -12.72 -16.22
N THR A 473 -16.88 -11.82 -15.59
CA THR A 473 -15.43 -11.88 -15.54
C THR A 473 -14.97 -12.57 -14.26
N ARG A 474 -13.65 -12.80 -14.18
CA ARG A 474 -13.08 -13.52 -13.04
C ARG A 474 -11.68 -12.96 -12.80
N TYR A 475 -11.59 -11.96 -11.92
CA TYR A 475 -10.29 -11.38 -11.61
C TYR A 475 -9.46 -12.37 -10.79
N ASP A 476 -8.15 -12.35 -11.01
CA ASP A 476 -7.18 -13.05 -10.18
C ASP A 476 -6.27 -11.97 -9.62
N SER A 477 -6.69 -11.37 -8.52
CA SER A 477 -5.97 -10.25 -7.95
C SER A 477 -4.65 -10.69 -7.35
N LYS A 478 -3.59 -9.96 -7.68
CA LYS A 478 -2.27 -10.13 -7.06
C LYS A 478 -1.72 -8.72 -6.85
N ARG A 479 -1.99 -8.15 -5.68
CA ARG A 479 -1.58 -6.79 -5.37
C ARG A 479 -0.36 -6.80 -4.46
N SER A 480 0.32 -5.66 -4.42
CA SER A 480 1.50 -5.49 -3.59
C SER A 480 1.26 -4.35 -2.60
N VAL A 481 1.84 -4.50 -1.41
CA VAL A 481 1.78 -3.47 -0.37
C VAL A 481 3.22 -3.10 -0.07
N TYR A 482 3.73 -2.09 -0.76
CA TYR A 482 5.11 -1.65 -0.62
C TYR A 482 5.11 -0.39 0.22
N LEU A 483 5.42 -0.54 1.50
CA LEU A 483 5.44 0.57 2.45
C LEU A 483 6.89 0.82 2.85
N GLN A 484 7.36 2.04 2.64
CA GLN A 484 8.72 2.40 3.02
C GLN A 484 8.75 3.86 3.45
N ALA A 485 9.72 4.18 4.31
CA ALA A 485 9.89 5.55 4.77
C ALA A 485 10.57 6.39 3.70
N ALA A 486 10.39 7.71 3.81
CA ALA A 486 11.05 8.62 2.88
C ALA A 486 12.55 8.55 3.05
N GLY A 487 13.23 7.93 2.08
CA GLY A 487 14.65 7.69 2.20
C GLY A 487 15.02 6.52 3.08
N GLY A 488 14.04 5.83 3.65
CA GLY A 488 14.31 4.68 4.48
C GLY A 488 14.25 3.40 3.68
N PRO A 489 14.56 2.29 4.34
CA PRO A 489 14.52 1.00 3.63
C PRO A 489 13.09 0.50 3.44
N VAL A 490 12.96 -0.72 2.93
CA VAL A 490 11.65 -1.33 2.70
C VAL A 490 11.11 -1.80 4.04
N LEU A 491 10.11 -1.08 4.57
CA LEU A 491 9.54 -1.47 5.85
C LEU A 491 8.82 -2.80 5.75
N LEU A 492 8.03 -2.99 4.70
CA LEU A 492 7.33 -4.25 4.48
C LEU A 492 6.96 -4.36 3.02
N ASP A 493 7.11 -5.56 2.46
CA ASP A 493 6.76 -5.83 1.06
C ASP A 493 6.09 -7.19 0.99
N GLN A 494 4.77 -7.19 1.09
CA GLN A 494 3.96 -8.41 1.05
C GLN A 494 3.05 -8.38 -0.16
N ARG A 495 2.88 -9.53 -0.80
CA ARG A 495 2.00 -9.67 -1.96
C ARG A 495 0.80 -10.53 -1.57
N LEU A 496 -0.39 -9.98 -1.76
CA LEU A 496 -1.62 -10.71 -1.52
C LEU A 496 -2.15 -11.30 -2.82
N SER A 497 -3.00 -12.30 -2.69
CA SER A 497 -3.65 -12.94 -3.83
C SER A 497 -5.12 -13.12 -3.51
N GLY A 498 -5.93 -13.14 -4.56
CA GLY A 498 -7.37 -13.31 -4.39
C GLY A 498 -8.03 -13.63 -5.72
N ASP A 499 -9.28 -14.08 -5.61
CA ASP A 499 -10.07 -14.43 -6.78
C ASP A 499 -11.47 -13.90 -6.57
N THR A 500 -11.98 -13.15 -7.55
CA THR A 500 -13.33 -12.62 -7.48
C THR A 500 -13.98 -12.69 -8.85
N SER A 501 -15.30 -12.85 -8.85
CA SER A 501 -16.11 -12.82 -10.07
C SER A 501 -17.04 -11.62 -9.97
N ALA A 502 -17.10 -10.82 -11.03
CA ALA A 502 -17.91 -9.62 -11.04
C ALA A 502 -18.79 -9.61 -12.27
N TRP A 503 -20.08 -9.43 -12.06
CA TRP A 503 -21.02 -9.31 -13.17
C TRP A 503 -21.19 -7.84 -13.53
N SER A 504 -21.67 -7.61 -14.76
CA SER A 504 -21.90 -6.25 -15.23
C SER A 504 -22.95 -6.28 -16.33
N TRP A 505 -23.95 -5.42 -16.21
CA TRP A 505 -25.00 -5.26 -17.22
C TRP A 505 -25.15 -3.78 -17.51
N GLY A 506 -26.09 -3.46 -18.39
CA GLY A 506 -26.37 -2.08 -18.70
C GLY A 506 -27.02 -1.92 -20.06
N ALA A 507 -27.03 -0.69 -20.54
CA ALA A 507 -27.60 -0.34 -21.83
C ALA A 507 -26.77 0.76 -22.46
N ARG A 508 -27.13 1.11 -23.70
CA ARG A 508 -26.38 2.08 -24.47
C ARG A 508 -27.16 2.39 -25.74
N LEU A 509 -26.92 3.58 -26.30
CA LEU A 509 -27.53 3.98 -27.56
C LEU A 509 -26.84 5.25 -28.06
N GLU A 510 -26.67 5.34 -29.38
CA GLU A 510 -26.01 6.50 -29.99
C GLU A 510 -26.70 6.82 -31.31
N GLY A 511 -26.28 7.94 -31.90
CA GLY A 511 -26.83 8.35 -33.19
C GLY A 511 -26.37 9.75 -33.56
N GLY A 512 -26.86 10.20 -34.70
CA GLY A 512 -26.55 11.53 -35.18
C GLY A 512 -26.78 11.64 -36.67
N TYR A 513 -26.32 12.75 -37.23
CA TYR A 513 -26.40 12.99 -38.67
C TYR A 513 -25.28 13.95 -39.06
N ASP A 514 -24.90 13.91 -40.34
CA ASP A 514 -23.76 14.71 -40.78
C ASP A 514 -23.81 14.88 -42.29
N PHE A 515 -23.06 15.88 -42.77
CA PHE A 515 -22.85 16.12 -44.18
C PHE A 515 -21.45 15.62 -44.56
N SER A 516 -21.01 15.91 -45.78
CA SER A 516 -19.69 15.48 -46.21
C SER A 516 -19.21 16.36 -47.35
N PHE A 517 -17.92 16.69 -47.34
CA PHE A 517 -17.24 17.30 -48.47
C PHE A 517 -16.26 16.29 -49.03
N GLY A 518 -16.39 16.01 -50.33
CA GLY A 518 -15.59 14.97 -50.93
C GLY A 518 -16.10 13.59 -50.56
N GLU A 519 -15.19 12.67 -50.27
CA GLU A 519 -15.54 11.29 -49.98
C GLU A 519 -15.69 10.99 -48.49
N LEU A 520 -15.36 11.94 -47.63
CA LEU A 520 -15.30 11.70 -46.19
C LEU A 520 -16.38 12.48 -45.47
N ARG A 521 -17.08 11.81 -44.55
CA ARG A 521 -18.14 12.41 -43.75
C ARG A 521 -17.67 12.57 -42.31
N SER A 522 -18.33 13.49 -41.61
CA SER A 522 -18.04 13.75 -40.20
C SER A 522 -19.12 14.68 -39.65
N GLY A 523 -19.51 14.46 -38.40
CA GLY A 523 -20.52 15.29 -37.77
C GLY A 523 -20.82 14.91 -36.33
N PRO A 524 -21.71 15.65 -35.69
CA PRO A 524 -21.98 15.40 -34.27
C PRO A 524 -22.68 14.07 -34.04
N LEU A 525 -22.26 13.37 -32.99
CA LEU A 525 -22.90 12.16 -32.52
C LEU A 525 -23.18 12.31 -31.03
N ALA A 526 -24.34 11.82 -30.61
CA ALA A 526 -24.74 11.84 -29.21
C ALA A 526 -24.99 10.42 -28.74
N GLY A 527 -24.65 10.14 -27.49
CA GLY A 527 -24.79 8.79 -26.97
C GLY A 527 -25.10 8.79 -25.48
N LEU A 528 -25.56 7.63 -25.02
CA LEU A 528 -25.84 7.40 -23.61
C LEU A 528 -25.27 6.06 -23.22
N ASP A 529 -24.46 6.03 -22.17
CA ASP A 529 -23.84 4.81 -21.69
C ASP A 529 -24.32 4.51 -20.27
N TYR A 530 -24.67 3.25 -20.02
CA TYR A 530 -25.09 2.83 -18.69
C TYR A 530 -24.55 1.44 -18.41
N MET A 531 -23.97 1.25 -17.23
CA MET A 531 -23.43 -0.03 -16.82
C MET A 531 -23.47 -0.09 -15.30
N HIS A 532 -24.25 -1.03 -14.75
CA HIS A 532 -24.41 -1.19 -13.31
C HIS A 532 -23.49 -2.30 -12.85
N TYR A 533 -22.22 -1.95 -12.67
CA TYR A 533 -21.22 -2.95 -12.27
C TYR A 533 -21.55 -3.53 -10.91
N ARG A 534 -21.27 -4.82 -10.74
CA ARG A 534 -21.37 -5.49 -9.45
C ARG A 534 -20.12 -6.33 -9.25
N ILE A 535 -19.29 -5.93 -8.30
CA ILE A 535 -18.07 -6.65 -7.96
C ILE A 535 -18.31 -7.39 -6.64
N ASP A 536 -18.34 -8.70 -6.70
CA ASP A 536 -18.63 -9.50 -5.53
C ASP A 536 -17.50 -9.41 -4.50
N ASP A 537 -17.86 -9.59 -3.23
CA ASP A 537 -16.89 -9.57 -2.16
C ASP A 537 -15.96 -10.77 -2.27
N PHE A 538 -14.69 -10.55 -1.96
CA PHE A 538 -13.70 -11.62 -1.97
C PHE A 538 -12.66 -11.33 -0.90
N ARG A 539 -12.17 -12.38 -0.26
CA ARG A 539 -11.16 -12.27 0.78
C ARG A 539 -9.85 -12.84 0.27
N GLU A 540 -8.75 -12.15 0.59
CA GLU A 540 -7.44 -12.56 0.10
C GLU A 540 -7.09 -13.93 0.64
N ASP A 541 -6.48 -14.76 -0.22
CA ASP A 541 -6.06 -16.09 0.20
C ASP A 541 -4.93 -16.04 1.21
N GLU A 542 -3.98 -15.12 1.02
CA GLU A 542 -2.81 -15.05 1.89
C GLU A 542 -3.22 -14.77 3.33
N ALA A 543 -2.52 -15.41 4.27
CA ALA A 543 -2.79 -15.24 5.69
C ALA A 543 -1.71 -14.34 6.29
N LEU A 544 -1.92 -13.04 6.16
CA LEU A 544 -1.02 -12.03 6.70
C LEU A 544 -1.84 -10.94 7.38
N ARG A 545 -1.13 -10.02 8.04
CA ARG A 545 -1.80 -8.83 8.56
C ARG A 545 -2.30 -7.96 7.42
N THR A 546 -1.53 -7.86 6.34
CA THR A 546 -1.84 -6.97 5.23
C THR A 546 -2.95 -7.50 4.33
N ALA A 547 -3.33 -8.77 4.44
CA ALA A 547 -4.43 -9.28 3.64
C ALA A 547 -5.73 -8.60 4.04
N LEU A 548 -6.59 -8.36 3.07
CA LEU A 548 -7.79 -7.58 3.27
C LEU A 548 -9.04 -8.40 3.01
N GLY A 549 -10.17 -7.88 3.48
CA GLY A 549 -11.47 -8.45 3.22
C GLY A 549 -12.39 -7.44 2.57
N TYR A 550 -12.75 -7.67 1.31
CA TYR A 550 -13.48 -6.69 0.52
C TYR A 550 -14.98 -6.80 0.78
N GLU A 551 -15.78 -6.10 -0.02
CA GLU A 551 -17.22 -6.11 0.11
C GLU A 551 -17.84 -6.00 -1.28
N LYS A 552 -19.13 -6.35 -1.36
CA LYS A 552 -19.86 -6.23 -2.61
C LYS A 552 -19.94 -4.77 -3.03
N GLN A 553 -19.67 -4.51 -4.31
CA GLN A 553 -19.77 -3.18 -4.87
C GLN A 553 -20.97 -3.16 -5.82
N ASP A 554 -21.99 -2.37 -5.47
CA ASP A 554 -23.19 -2.21 -6.28
C ASP A 554 -23.27 -0.74 -6.66
N TYR A 555 -22.61 -0.39 -7.76
CA TYR A 555 -22.54 0.98 -8.23
C TYR A 555 -22.83 1.04 -9.71
N ASP A 556 -23.35 2.18 -10.16
CA ASP A 556 -23.77 2.36 -11.54
C ASP A 556 -22.99 3.50 -12.18
N SER A 557 -22.71 3.35 -13.47
CA SER A 557 -22.05 4.38 -14.26
C SER A 557 -22.99 4.83 -15.36
N LEU A 558 -23.25 6.13 -15.44
CA LEU A 558 -24.15 6.72 -16.44
C LEU A 558 -23.37 7.75 -17.22
N GLU A 559 -22.75 7.32 -18.31
CA GLU A 559 -21.90 8.17 -19.14
C GLU A 559 -22.77 8.80 -20.24
N ALA A 560 -23.41 9.92 -19.91
CA ALA A 560 -24.09 10.71 -20.93
C ALA A 560 -23.04 11.47 -21.74
N SER A 561 -23.17 11.43 -23.06
CA SER A 561 -22.10 11.90 -23.94
C SER A 561 -22.64 12.87 -24.99
N LEU A 562 -21.69 13.58 -25.60
CA LEU A 562 -21.96 14.48 -26.71
C LEU A 562 -20.64 14.79 -27.39
N GLY A 563 -20.59 14.64 -28.70
CA GLY A 563 -19.35 14.87 -29.41
C GLY A 563 -19.51 14.87 -30.91
N TRP A 564 -18.38 14.67 -31.59
CA TRP A 564 -18.31 14.64 -33.05
C TRP A 564 -17.62 13.35 -33.49
N ARG A 565 -18.01 12.87 -34.66
CA ARG A 565 -17.49 11.63 -35.22
C ARG A 565 -17.12 11.86 -36.68
N LEU A 566 -16.35 10.93 -37.24
CA LEU A 566 -15.97 10.97 -38.65
C LEU A 566 -16.14 9.57 -39.24
N ARG A 567 -16.41 9.53 -40.54
CA ARG A 567 -16.61 8.25 -41.24
C ARG A 567 -16.43 8.48 -42.73
N GLY A 568 -15.54 7.71 -43.34
CA GLY A 568 -15.26 7.84 -44.76
C GLY A 568 -14.85 6.51 -45.35
N GLU A 569 -14.58 6.52 -46.65
CA GLU A 569 -14.16 5.32 -47.38
C GLU A 569 -13.12 5.71 -48.41
N LEU A 570 -11.89 5.23 -48.23
CA LEU A 570 -10.80 5.45 -49.18
C LEU A 570 -10.43 4.10 -49.78
N ALA A 571 -11.08 3.75 -50.89
CA ALA A 571 -10.93 2.44 -51.51
C ALA A 571 -9.73 2.46 -52.45
N LEU A 572 -8.54 2.39 -51.86
CA LEU A 572 -7.30 2.27 -52.63
C LEU A 572 -6.96 0.80 -52.81
N GLY A 573 -6.88 0.36 -54.05
CA GLY A 573 -6.64 -1.03 -54.38
C GLY A 573 -7.88 -1.71 -54.93
N ALA A 574 -7.66 -2.90 -55.48
CA ALA A 574 -8.75 -3.65 -56.10
C ALA A 574 -9.77 -4.11 -55.06
N ARG A 575 -9.32 -4.59 -53.89
CA ARG A 575 -10.21 -5.11 -52.88
C ARG A 575 -10.20 -4.33 -51.58
N MET A 576 -9.23 -3.45 -51.37
CA MET A 576 -9.09 -2.75 -50.10
C MET A 576 -9.98 -1.51 -50.08
N ARG A 577 -10.68 -1.32 -48.96
CA ARG A 577 -11.56 -0.16 -48.77
C ARG A 577 -11.39 0.32 -47.33
N LEU A 578 -10.46 1.25 -47.14
CA LEU A 578 -10.23 1.81 -45.81
C LEU A 578 -11.43 2.61 -45.35
N GLN A 579 -11.61 2.68 -44.04
CA GLN A 579 -12.73 3.37 -43.40
C GLN A 579 -12.21 4.29 -42.31
N PRO A 580 -11.73 5.48 -42.66
CA PRO A 580 -11.26 6.42 -41.64
C PRO A 580 -12.39 6.82 -40.71
N TYR A 581 -12.05 6.96 -39.42
CA TYR A 581 -13.03 7.35 -38.42
C TYR A 581 -12.33 7.83 -37.16
N ALA A 582 -12.87 8.89 -36.57
CA ALA A 582 -12.33 9.48 -35.35
C ALA A 582 -13.47 10.11 -34.57
N SER A 583 -13.24 10.31 -33.28
CA SER A 583 -14.26 10.84 -32.38
C SER A 583 -13.64 11.82 -31.40
N LEU A 584 -14.44 12.80 -30.99
CA LEU A 584 -14.09 13.71 -29.90
C LEU A 584 -15.38 13.98 -29.13
N ARG A 585 -15.63 13.17 -28.11
CA ARG A 585 -16.88 13.21 -27.36
C ARG A 585 -16.61 13.40 -25.88
N TRP A 586 -17.42 14.24 -25.24
CA TRP A 586 -17.34 14.46 -23.80
C TRP A 586 -18.25 13.49 -23.06
N VAL A 587 -18.01 13.36 -21.76
CA VAL A 587 -18.81 12.53 -20.88
C VAL A 587 -19.03 13.28 -19.57
N ARG A 588 -20.26 13.27 -19.07
CA ARG A 588 -20.59 13.86 -17.78
C ARG A 588 -21.47 12.90 -17.02
N GLU A 589 -20.92 12.31 -15.96
CA GLU A 589 -21.69 11.36 -15.16
C GLU A 589 -22.81 12.08 -14.42
N LEU A 590 -23.97 11.44 -14.36
CA LEU A 590 -25.06 11.87 -13.49
C LEU A 590 -25.08 11.14 -12.17
N ALA A 591 -24.12 10.24 -11.94
CA ALA A 591 -24.09 9.43 -10.73
C ALA A 591 -22.66 9.27 -10.22
N ASP A 592 -22.45 8.31 -9.32
CA ASP A 592 -21.12 8.10 -8.75
C ASP A 592 -20.10 7.75 -9.81
N GLY A 593 -20.49 6.96 -10.80
CA GLY A 593 -19.54 6.51 -11.82
C GLY A 593 -18.68 5.36 -11.39
N ARG A 594 -18.03 5.47 -10.25
CA ARG A 594 -17.29 4.36 -9.66
C ARG A 594 -17.15 4.62 -8.17
N LEU A 595 -17.17 3.53 -7.40
CA LEU A 595 -17.26 3.64 -5.95
C LEU A 595 -16.06 4.39 -5.41
N ASP A 596 -16.31 5.29 -4.46
CA ASP A 596 -15.26 6.14 -3.89
C ASP A 596 -14.64 5.52 -2.64
N ASP A 597 -15.47 5.15 -1.67
CA ASP A 597 -14.98 4.66 -0.39
C ASP A 597 -15.57 3.28 -0.13
N MET A 598 -14.72 2.34 0.26
CA MET A 598 -15.13 0.97 0.55
C MET A 598 -14.86 0.67 2.01
N ASP A 599 -15.81 -0.03 2.64
CA ASP A 599 -15.65 -0.49 4.02
C ASP A 599 -14.84 -1.78 4.02
N LEU A 600 -13.57 -1.69 4.39
CA LEU A 600 -12.64 -2.80 4.35
C LEU A 600 -12.21 -3.19 5.75
N THR A 601 -12.00 -4.49 5.95
CA THR A 601 -11.50 -5.01 7.22
C THR A 601 -10.25 -5.83 6.96
N SER A 602 -9.19 -5.54 7.71
CA SER A 602 -7.94 -6.27 7.55
C SER A 602 -8.03 -7.63 8.22
N ARG A 603 -7.43 -8.63 7.58
CA ARG A 603 -7.47 -9.98 8.14
C ARG A 603 -6.72 -10.07 9.46
N GLY A 604 -5.73 -9.20 9.66
CA GLY A 604 -4.97 -9.23 10.89
C GLY A 604 -5.80 -8.86 12.12
N ASP A 605 -6.59 -7.79 12.00
CA ASP A 605 -7.36 -7.28 13.13
C ASP A 605 -8.86 -7.46 12.93
N GLY A 606 -9.41 -6.96 11.83
CA GLY A 606 -10.81 -7.13 11.53
C GLY A 606 -11.69 -5.93 11.79
N ARG A 607 -11.13 -4.79 12.15
CA ARG A 607 -11.92 -3.60 12.39
C ARG A 607 -12.36 -2.97 11.08
N VAL A 608 -13.43 -2.17 11.14
CA VAL A 608 -13.98 -1.53 9.96
C VAL A 608 -13.11 -0.34 9.60
N ARG A 609 -12.54 -0.37 8.40
CA ARG A 609 -11.62 0.66 7.92
C ARG A 609 -12.19 1.30 6.67
N VAL A 610 -12.25 2.63 6.67
CA VAL A 610 -12.74 3.37 5.51
C VAL A 610 -11.54 3.77 4.66
N ALA A 611 -11.46 3.21 3.45
CA ALA A 611 -10.36 3.48 2.53
C ALA A 611 -10.85 4.38 1.42
N ASP A 612 -10.10 5.45 1.15
CA ASP A 612 -10.46 6.43 0.14
C ASP A 612 -9.73 6.11 -1.15
N MET A 613 -10.48 5.90 -2.23
CA MET A 613 -9.91 5.64 -3.54
C MET A 613 -9.69 6.90 -4.34
N GLY A 614 -9.98 8.07 -3.78
CA GLY A 614 -9.82 9.32 -4.49
C GLY A 614 -11.10 9.76 -5.16
N GLY A 615 -11.02 10.93 -5.79
CA GLY A 615 -12.16 11.47 -6.47
C GLY A 615 -12.46 10.74 -7.77
N VAL A 616 -13.70 10.91 -8.24
CA VAL A 616 -14.17 10.30 -9.48
C VAL A 616 -14.26 11.40 -10.52
N ASP A 617 -13.51 11.26 -11.60
CA ASP A 617 -13.52 12.27 -12.67
C ASP A 617 -14.84 12.19 -13.39
N LYS A 618 -15.76 13.10 -13.04
CA LYS A 618 -17.09 13.14 -13.62
C LYS A 618 -17.24 14.21 -14.68
N ASP A 619 -16.14 14.82 -15.13
CA ASP A 619 -16.17 15.84 -16.17
C ASP A 619 -14.91 15.69 -17.02
N PHE A 620 -15.06 15.05 -18.17
CA PHE A 620 -13.93 14.82 -19.09
C PHE A 620 -14.49 14.48 -20.46
N GLY A 621 -13.62 14.00 -21.33
CA GLY A 621 -14.04 13.53 -22.64
C GLY A 621 -13.00 12.61 -23.24
N ARG A 622 -13.47 11.68 -24.07
CA ARG A 622 -12.62 10.69 -24.70
C ARG A 622 -12.59 10.91 -26.20
N ALA A 623 -11.51 10.48 -26.84
CA ALA A 623 -11.32 10.65 -28.27
C ALA A 623 -10.85 9.35 -28.89
N GLN A 624 -11.22 9.15 -30.15
CA GLN A 624 -10.88 7.97 -30.90
C GLN A 624 -10.17 8.36 -32.20
N LEU A 625 -9.40 7.43 -32.74
CA LEU A 625 -8.73 7.66 -34.01
C LEU A 625 -8.35 6.31 -34.61
N GLY A 626 -8.38 6.25 -35.93
CA GLY A 626 -7.97 5.04 -36.63
C GLY A 626 -8.81 4.87 -37.89
N ALA A 627 -8.66 3.69 -38.47
CA ALA A 627 -9.39 3.33 -39.69
C ALA A 627 -9.49 1.81 -39.74
N GLN A 628 -10.38 1.32 -40.60
CA GLN A 628 -10.63 -0.10 -40.74
C GLN A 628 -10.36 -0.51 -42.19
N LEU A 629 -9.53 -1.52 -42.36
CA LEU A 629 -9.18 -2.04 -43.67
C LEU A 629 -10.00 -3.29 -43.98
N ALA A 630 -9.99 -3.68 -45.25
CA ALA A 630 -10.63 -4.92 -45.71
C ALA A 630 -9.67 -5.57 -46.69
N ILE A 631 -8.96 -6.61 -46.23
CA ILE A 631 -8.05 -7.35 -47.12
C ILE A 631 -8.84 -7.96 -48.27
N THR A 632 -9.99 -8.56 -47.95
CA THR A 632 -10.93 -9.06 -48.94
C THR A 632 -12.33 -8.62 -48.53
N GLU A 633 -13.36 -9.21 -49.12
CA GLU A 633 -14.71 -8.98 -48.63
C GLU A 633 -14.89 -9.50 -47.21
N GLN A 634 -14.04 -10.42 -46.77
CA GLN A 634 -14.19 -11.07 -45.47
C GLN A 634 -13.18 -10.54 -44.45
N LEU A 635 -11.89 -10.63 -44.75
CA LEU A 635 -10.85 -10.24 -43.81
C LEU A 635 -10.74 -8.72 -43.73
N GLY A 636 -10.38 -8.23 -42.54
CA GLY A 636 -10.17 -6.81 -42.35
C GLY A 636 -9.53 -6.46 -41.01
N VAL A 637 -8.47 -5.66 -41.04
CA VAL A 637 -7.74 -5.29 -39.84
C VAL A 637 -8.07 -3.85 -39.49
N PHE A 638 -7.60 -3.42 -38.32
CA PHE A 638 -7.86 -2.06 -37.86
C PHE A 638 -6.82 -1.69 -36.82
N ALA A 639 -6.74 -0.39 -36.52
CA ALA A 639 -5.85 0.12 -35.47
C ALA A 639 -6.51 1.35 -34.88
N GLU A 640 -7.20 1.17 -33.76
CA GLU A 640 -7.90 2.25 -33.09
C GLU A 640 -7.12 2.68 -31.86
N ALA A 641 -7.07 3.99 -31.63
CA ALA A 641 -6.45 4.56 -30.44
C ALA A 641 -7.50 5.38 -29.70
N ASN A 642 -7.78 4.98 -28.47
CA ASN A 642 -8.73 5.68 -27.61
C ASN A 642 -7.94 6.36 -26.50
N SER A 643 -8.22 7.64 -26.28
CA SER A 643 -7.44 8.44 -25.33
C SER A 643 -8.40 9.33 -24.55
N ARG A 644 -8.74 8.91 -23.34
CA ARG A 644 -9.46 9.80 -22.43
C ARG A 644 -8.57 10.97 -22.08
N PHE A 645 -9.13 12.18 -22.09
CA PHE A 645 -8.38 13.37 -21.71
C PHE A 645 -9.22 14.23 -20.77
N ALA A 646 -8.62 14.60 -19.65
CA ALA A 646 -9.17 15.57 -18.72
C ALA A 646 -8.05 16.52 -18.31
N HIS A 647 -8.38 17.82 -18.24
CA HIS A 647 -7.35 18.82 -18.00
C HIS A 647 -6.87 18.81 -16.55
N SER A 648 -7.73 18.42 -15.61
CA SER A 648 -7.36 18.44 -14.20
C SER A 648 -6.71 17.13 -13.75
N GLU A 649 -7.46 16.03 -13.83
CA GLU A 649 -6.95 14.72 -13.44
C GLU A 649 -7.61 13.64 -14.29
N GLY A 650 -6.81 12.71 -14.78
CA GLY A 650 -7.30 11.62 -15.59
C GLY A 650 -6.97 11.80 -17.06
N ASN A 651 -5.92 11.13 -17.53
CA ASN A 651 -5.46 11.25 -18.91
C ASN A 651 -5.09 9.87 -19.45
N GLN A 652 -5.95 8.89 -19.21
CA GLN A 652 -5.68 7.54 -19.68
C GLN A 652 -5.55 7.50 -21.19
N ALA A 653 -4.65 6.67 -21.67
CA ALA A 653 -4.44 6.47 -23.10
C ALA A 653 -4.48 4.99 -23.42
N GLY A 654 -4.81 4.67 -24.66
CA GLY A 654 -4.91 3.28 -25.05
C GLY A 654 -4.86 3.07 -26.55
N TYR A 655 -4.15 2.03 -26.97
CA TYR A 655 -4.08 1.63 -28.36
C TYR A 655 -4.69 0.24 -28.52
N SER A 656 -5.05 -0.10 -29.75
CA SER A 656 -5.71 -1.37 -30.01
C SER A 656 -5.58 -1.70 -31.48
N LEU A 657 -5.33 -2.98 -31.77
CA LEU A 657 -5.23 -3.48 -33.13
C LEU A 657 -5.85 -4.87 -33.18
N GLY A 658 -6.69 -5.11 -34.20
CA GLY A 658 -7.32 -6.41 -34.34
C GLY A 658 -7.72 -6.67 -35.77
N VAL A 659 -8.11 -7.92 -36.01
CA VAL A 659 -8.46 -8.40 -37.35
C VAL A 659 -9.79 -9.12 -37.27
N ASN A 660 -10.67 -8.84 -38.23
CA ASN A 660 -11.99 -9.44 -38.31
C ASN A 660 -12.07 -10.32 -39.54
N TRP A 661 -12.44 -11.59 -39.34
CA TRP A 661 -12.76 -12.50 -40.43
C TRP A 661 -14.28 -12.57 -40.53
N GLN A 662 -14.85 -11.78 -41.45
CA GLN A 662 -16.29 -11.74 -41.62
C GLN A 662 -16.78 -13.00 -42.31
N PHE A 663 -17.01 -14.06 -41.54
CA PHE A 663 -17.44 -15.32 -42.10
C PHE A 663 -18.23 -16.12 -41.07
#